data_7SA8
#
_entry.id   7SA8
#
_cell.length_a   58.736
_cell.length_b   67.496
_cell.length_c   76.216
_cell.angle_alpha   90.000
_cell.angle_beta   90.000
_cell.angle_gamma   90.000
#
_symmetry.space_group_name_H-M   'P 21 21 2'
#
loop_
_entity.id
_entity.type
_entity.pdbx_description
1 polymer 'Alginate lyase'
2 water water
#
_entity_poly.entity_id   1
_entity_poly.type   'polypeptide(L)'
_entity_poly.pdbx_seq_one_letter_code
;MHHHHHHSSGRENLYFQGADLVPPPGYYAAVGERKGSAGSCPAVPPPYTGSLVFTSAYEGSDSARATLNVKAEKTFRSQI
KDITDMERGATKLVTQYMRSGRDGDLACALNWMSAWARAGALQSDDFNHTGKSMRKWALGSLSGAYMRLKFSSSRPLAAH
AEQSREIEDWFARLGTQVVRDWSGLPLKKINNHSYWAAWSVMSTAVVTNRRDLFDWAVSEFKVAANQVDEQGFLPNELKR
RQRALAYHNYALPPLAMIAAFAQVNGVDLRQENHGALQRLAERVMKGVDDEETFEEKTGEDQDMTDLKVDNKYAWLEPYC
ALYRCEPKMLEAKKDREPFNSFRLGGEVTRVFS
;
_entity_poly.pdbx_strand_id   A
#
# COMPACT_ATOMS: atom_id res chain seq x y z
N ALA A 19 5.43 8.79 -21.85
CA ALA A 19 6.70 8.88 -20.99
C ALA A 19 6.70 7.82 -19.88
N ASP A 20 7.89 7.52 -19.37
CA ASP A 20 8.12 6.50 -18.33
C ASP A 20 7.40 6.96 -17.05
N LEU A 21 6.79 6.00 -16.35
CA LEU A 21 6.12 6.24 -15.06
C LEU A 21 7.20 6.53 -14.02
N VAL A 22 6.93 7.49 -13.13
CA VAL A 22 7.87 7.91 -12.05
C VAL A 22 7.15 7.83 -10.70
N PRO A 23 7.88 7.68 -9.58
CA PRO A 23 7.28 7.82 -8.27
C PRO A 23 7.42 9.27 -7.81
N PRO A 24 6.80 9.64 -6.67
CA PRO A 24 7.04 10.92 -6.01
C PRO A 24 8.53 11.16 -5.79
N PRO A 25 8.93 12.45 -5.77
CA PRO A 25 10.32 12.86 -5.59
C PRO A 25 11.12 12.06 -4.55
N GLY A 26 10.51 11.80 -3.39
CA GLY A 26 11.17 11.19 -2.21
C GLY A 26 11.86 9.89 -2.58
N TYR A 27 11.28 9.07 -3.49
CA TYR A 27 11.81 7.73 -3.86
C TYR A 27 13.11 7.81 -4.69
N TYR A 28 13.56 9.02 -5.05
CA TYR A 28 14.84 9.27 -5.76
C TYR A 28 15.96 9.62 -4.75
N ALA A 29 15.64 9.59 -3.46
CA ALA A 29 16.61 9.89 -2.37
C ALA A 29 17.86 9.02 -2.57
N ALA A 30 19.04 9.63 -2.44
CA ALA A 30 20.34 8.92 -2.37
C ALA A 30 20.36 7.93 -1.21
N VAL A 31 21.15 6.87 -1.38
CA VAL A 31 21.45 5.87 -0.32
C VAL A 31 22.37 6.52 0.72
N GLY A 32 22.19 6.16 1.98
CA GLY A 32 22.88 6.83 3.09
C GLY A 32 22.10 8.07 3.49
N GLU A 33 22.15 9.11 2.66
CA GLU A 33 21.48 10.42 2.90
C GLU A 33 20.02 10.19 3.30
N SER A 40 25.48 -9.94 7.93
CA SER A 40 25.30 -11.01 6.91
C SER A 40 23.89 -10.98 6.32
N CYS A 41 23.21 -12.12 6.28
CA CYS A 41 21.95 -12.28 5.49
C CYS A 41 21.24 -13.55 5.90
N PRO A 42 20.21 -13.50 6.79
CA PRO A 42 19.51 -14.72 7.21
C PRO A 42 18.90 -15.50 6.02
N ALA A 43 18.72 -16.82 6.17
CA ALA A 43 18.18 -17.69 5.08
C ALA A 43 16.73 -17.28 4.76
N VAL A 44 16.35 -17.33 3.47
CA VAL A 44 15.05 -16.79 2.99
C VAL A 44 13.93 -17.73 3.43
N PRO A 45 12.79 -17.21 3.91
CA PRO A 45 11.63 -18.05 4.15
C PRO A 45 11.29 -18.86 2.89
N PRO A 46 11.00 -20.18 3.00
CA PRO A 46 10.61 -20.95 1.82
C PRO A 46 9.56 -20.20 1.00
N PRO A 47 9.85 -19.92 -0.29
CA PRO A 47 8.90 -19.25 -1.18
C PRO A 47 7.53 -19.93 -1.15
N TYR A 48 6.45 -19.17 -0.98
CA TYR A 48 5.09 -19.73 -0.86
C TYR A 48 4.49 -19.97 -2.25
N THR A 49 4.60 -21.19 -2.78
CA THR A 49 4.12 -21.53 -4.13
C THR A 49 2.78 -22.27 -4.04
N GLY A 50 2.30 -22.52 -2.83
CA GLY A 50 1.03 -23.24 -2.64
C GLY A 50 -0.17 -22.48 -3.18
N SER A 51 -1.32 -23.16 -3.25
CA SER A 51 -2.65 -22.54 -3.35
C SER A 51 -2.77 -21.56 -2.17
N LEU A 52 -3.52 -20.49 -2.38
CA LEU A 52 -3.71 -19.39 -1.38
C LEU A 52 -5.12 -19.56 -0.81
N VAL A 53 -5.28 -20.58 0.01
CA VAL A 53 -6.56 -20.92 0.68
C VAL A 53 -6.26 -20.89 2.17
N PHE A 54 -6.50 -19.73 2.80
CA PHE A 54 -6.14 -19.42 4.21
C PHE A 54 -7.39 -19.15 5.05
N THR A 55 -7.25 -19.19 6.38
CA THR A 55 -8.32 -18.92 7.37
C THR A 55 -8.27 -17.43 7.78
N SER A 56 -9.35 -16.68 7.58
CA SER A 56 -9.43 -15.26 8.01
C SER A 56 -9.45 -15.21 9.55
N GLU A 73 -7.66 -17.03 14.21
CA GLU A 73 -6.61 -16.01 13.91
C GLU A 73 -5.21 -16.59 14.07
N LYS A 74 -5.01 -17.40 15.11
CA LYS A 74 -3.71 -18.04 15.39
C LYS A 74 -3.39 -18.99 14.22
N THR A 75 -4.41 -19.68 13.72
CA THR A 75 -4.33 -20.53 12.51
C THR A 75 -3.83 -19.68 11.34
N PHE A 76 -4.57 -18.60 11.08
CA PHE A 76 -4.39 -17.67 9.95
C PHE A 76 -2.92 -17.23 9.94
N ARG A 77 -2.47 -16.69 11.08
CA ARG A 77 -1.09 -16.15 11.29
C ARG A 77 -0.04 -17.22 10.98
N SER A 78 -0.34 -18.48 11.32
CA SER A 78 0.58 -19.62 11.13
C SER A 78 0.64 -20.03 9.65
N GLN A 79 -0.51 -20.14 8.98
CA GLN A 79 -0.66 -20.51 7.53
C GLN A 79 0.16 -19.53 6.66
N ILE A 80 0.18 -18.24 7.03
CA ILE A 80 0.77 -17.12 6.23
C ILE A 80 2.15 -16.76 6.80
N LYS A 81 2.76 -17.59 7.64
CA LYS A 81 4.01 -17.25 8.41
C LYS A 81 5.14 -16.87 7.45
N ASP A 82 5.43 -17.70 6.44
CA ASP A 82 6.51 -17.50 5.43
C ASP A 82 6.29 -16.20 4.63
N ILE A 83 5.03 -15.86 4.39
CA ILE A 83 4.61 -14.63 3.67
C ILE A 83 4.83 -13.44 4.60
N THR A 84 4.43 -13.54 5.86
CA THR A 84 4.64 -12.48 6.88
C THR A 84 6.14 -12.31 7.12
N ASP A 85 6.88 -13.39 7.31
CA ASP A 85 8.35 -13.32 7.55
C ASP A 85 9.03 -12.64 6.36
N MET A 86 8.49 -12.83 5.16
CA MET A 86 9.00 -12.23 3.89
C MET A 86 8.74 -10.72 3.90
N GLU A 87 7.47 -10.30 4.04
CA GLU A 87 6.99 -8.89 3.85
C GLU A 87 7.69 -7.94 4.83
N ARG A 88 7.92 -8.41 6.06
CA ARG A 88 8.59 -7.65 7.16
C ARG A 88 10.11 -7.63 6.91
N GLY A 89 10.70 -8.78 6.58
CA GLY A 89 12.15 -8.98 6.50
C GLY A 89 12.73 -8.26 5.30
N ALA A 90 12.11 -8.42 4.12
CA ALA A 90 12.54 -7.75 2.88
C ALA A 90 12.44 -6.23 3.05
N THR A 91 11.30 -5.71 3.52
CA THR A 91 11.08 -4.25 3.71
C THR A 91 12.17 -3.69 4.63
N LYS A 92 12.46 -4.39 5.73
CA LYS A 92 13.44 -3.95 6.76
C LYS A 92 14.87 -3.99 6.18
N LEU A 93 15.16 -4.89 5.27
CA LEU A 93 16.47 -5.01 4.57
C LEU A 93 16.64 -3.86 3.57
N VAL A 94 15.56 -3.51 2.89
CA VAL A 94 15.54 -2.32 1.99
C VAL A 94 15.74 -1.08 2.88
N THR A 95 14.83 -0.84 3.81
CA THR A 95 14.94 0.29 4.76
C THR A 95 16.41 0.44 5.19
N GLN A 96 17.01 -0.62 5.73
N GLN A 96 17.02 -0.64 5.71
CA GLN A 96 18.36 -0.56 6.36
CA GLN A 96 18.35 -0.59 6.36
C GLN A 96 19.44 -0.30 5.31
C GLN A 96 19.46 -0.33 5.33
N TYR A 97 19.32 -0.81 4.08
CA TYR A 97 20.27 -0.47 2.99
C TYR A 97 20.15 1.02 2.63
N MET A 98 18.92 1.53 2.50
CA MET A 98 18.65 2.96 2.14
C MET A 98 19.28 3.90 3.18
N ARG A 99 19.20 3.53 4.46
CA ARG A 99 19.82 4.30 5.58
C ARG A 99 21.34 4.14 5.56
N SER A 100 21.85 2.92 5.42
CA SER A 100 23.24 2.58 5.80
C SER A 100 24.16 2.54 4.59
N GLY A 101 23.63 2.23 3.41
CA GLY A 101 24.44 2.09 2.19
C GLY A 101 25.28 0.82 2.13
N ARG A 102 25.30 0.00 3.17
CA ARG A 102 26.23 -1.16 3.19
C ARG A 102 25.81 -2.14 2.08
N ASP A 103 26.75 -2.58 1.27
CA ASP A 103 26.48 -3.29 -0.02
C ASP A 103 26.03 -4.74 0.23
N GLY A 104 26.27 -5.29 1.41
CA GLY A 104 25.74 -6.61 1.80
C GLY A 104 24.25 -6.54 1.95
N ASP A 105 23.75 -5.49 2.60
CA ASP A 105 22.31 -5.19 2.82
C ASP A 105 21.53 -5.29 1.50
N LEU A 106 22.08 -4.73 0.42
CA LEU A 106 21.42 -4.71 -0.90
C LEU A 106 21.32 -6.15 -1.43
N ALA A 107 22.47 -6.84 -1.45
CA ALA A 107 22.62 -8.23 -1.90
C ALA A 107 21.50 -9.05 -1.26
N CYS A 108 21.27 -8.82 0.03
CA CYS A 108 20.36 -9.65 0.85
C CYS A 108 18.89 -9.37 0.49
N ALA A 109 18.49 -8.09 0.44
CA ALA A 109 17.18 -7.63 -0.06
C ALA A 109 16.85 -8.31 -1.42
N LEU A 110 17.81 -8.35 -2.37
CA LEU A 110 17.60 -8.84 -3.77
C LEU A 110 17.63 -10.38 -3.80
N ASN A 111 18.48 -11.02 -2.98
CA ASN A 111 18.42 -12.51 -2.81
C ASN A 111 17.04 -12.91 -2.26
N TRP A 112 16.46 -12.14 -1.36
CA TRP A 112 15.17 -12.48 -0.71
C TRP A 112 14.09 -12.39 -1.79
N MET A 113 13.99 -11.25 -2.44
CA MET A 113 12.90 -10.97 -3.41
C MET A 113 13.05 -11.85 -4.65
N SER A 114 14.27 -12.00 -5.17
CA SER A 114 14.56 -12.78 -6.40
C SER A 114 14.37 -14.28 -6.16
N ALA A 115 14.57 -14.78 -4.94
CA ALA A 115 14.24 -16.18 -4.57
C ALA A 115 12.75 -16.41 -4.78
N TRP A 116 11.91 -15.50 -4.30
CA TRP A 116 10.44 -15.62 -4.35
C TRP A 116 10.01 -15.45 -5.80
N ALA A 117 10.74 -14.57 -6.50
CA ALA A 117 10.47 -14.16 -7.90
C ALA A 117 10.74 -15.37 -8.79
N ARG A 118 11.98 -15.86 -8.76
CA ARG A 118 12.45 -17.06 -9.49
C ARG A 118 11.49 -18.24 -9.24
N ALA A 119 11.00 -18.43 -8.00
CA ALA A 119 10.13 -19.58 -7.61
C ALA A 119 8.66 -19.43 -8.05
N GLY A 120 8.21 -18.26 -8.50
CA GLY A 120 6.80 -18.05 -8.89
C GLY A 120 5.84 -17.98 -7.70
N ALA A 121 6.26 -17.38 -6.59
CA ALA A 121 5.52 -17.36 -5.31
C ALA A 121 4.29 -16.47 -5.42
N LEU A 122 3.18 -16.93 -4.83
CA LEU A 122 1.87 -16.22 -4.69
C LEU A 122 1.17 -16.10 -6.05
N GLN A 123 1.50 -16.92 -7.05
CA GLN A 123 0.91 -16.83 -8.42
C GLN A 123 -0.31 -17.75 -8.57
N SER A 124 -0.68 -18.53 -7.57
CA SER A 124 -1.71 -19.59 -7.71
C SER A 124 -3.06 -19.04 -8.23
N ASP A 125 -3.78 -19.85 -9.03
CA ASP A 125 -5.19 -19.64 -9.50
C ASP A 125 -6.16 -20.27 -8.50
N ASP A 126 -5.65 -21.09 -7.58
CA ASP A 126 -6.45 -21.65 -6.46
CA ASP A 126 -6.44 -21.64 -6.46
C ASP A 126 -6.33 -20.68 -5.27
N PHE A 127 -7.37 -19.87 -5.06
CA PHE A 127 -7.40 -18.87 -3.95
C PHE A 127 -8.80 -18.67 -3.42
N ASN A 128 -8.86 -18.33 -2.13
CA ASN A 128 -10.09 -17.79 -1.48
C ASN A 128 -9.85 -16.33 -1.16
N HIS A 129 -10.93 -15.61 -0.84
CA HIS A 129 -10.97 -14.15 -0.57
C HIS A 129 -9.76 -13.73 0.28
N THR A 130 -9.40 -14.54 1.29
CA THR A 130 -8.27 -14.24 2.20
C THR A 130 -6.92 -14.43 1.49
N GLY A 131 -6.77 -15.44 0.62
CA GLY A 131 -5.51 -15.68 -0.11
C GLY A 131 -5.24 -14.61 -1.17
N LYS A 132 -6.26 -14.20 -1.91
CA LYS A 132 -6.10 -13.10 -2.91
C LYS A 132 -5.87 -11.78 -2.17
N SER A 133 -6.48 -11.61 -1.00
CA SER A 133 -6.21 -10.46 -0.12
C SER A 133 -4.73 -10.45 0.27
N MET A 134 -4.12 -11.62 0.48
CA MET A 134 -2.70 -11.77 0.90
C MET A 134 -1.77 -11.53 -0.28
N ARG A 135 -2.17 -11.97 -1.47
CA ARG A 135 -1.33 -11.76 -2.68
C ARG A 135 -1.11 -10.26 -2.81
N LYS A 136 -2.18 -9.45 -2.70
CA LYS A 136 -2.12 -8.02 -3.07
C LYS A 136 -1.37 -7.28 -1.96
N TRP A 137 -1.56 -7.66 -0.72
CA TRP A 137 -0.83 -7.04 0.43
C TRP A 137 0.68 -7.26 0.26
N ALA A 138 1.08 -8.48 -0.14
CA ALA A 138 2.51 -8.86 -0.28
C ALA A 138 3.09 -8.10 -1.47
N LEU A 139 2.32 -7.98 -2.56
CA LEU A 139 2.72 -7.19 -3.75
C LEU A 139 2.96 -5.74 -3.31
N GLY A 140 1.96 -5.20 -2.60
CA GLY A 140 1.94 -3.86 -1.99
C GLY A 140 3.21 -3.54 -1.22
N SER A 141 3.62 -4.40 -0.29
CA SER A 141 4.75 -4.15 0.64
C SER A 141 6.07 -4.21 -0.12
N LEU A 142 6.27 -5.29 -0.89
CA LEU A 142 7.58 -5.61 -1.52
C LEU A 142 7.87 -4.63 -2.66
N SER A 143 6.82 -4.24 -3.41
CA SER A 143 6.96 -3.37 -4.60
C SER A 143 7.15 -1.94 -4.08
N GLY A 144 6.41 -1.60 -3.01
CA GLY A 144 6.56 -0.34 -2.27
C GLY A 144 7.98 -0.14 -1.76
N ALA A 145 8.62 -1.18 -1.23
CA ALA A 145 10.01 -1.13 -0.74
C ALA A 145 10.98 -1.07 -1.93
N TYR A 146 10.90 -2.02 -2.85
CA TYR A 146 11.80 -2.16 -4.03
C TYR A 146 11.81 -0.84 -4.86
N MET A 147 10.68 -0.11 -4.86
CA MET A 147 10.54 1.25 -5.47
C MET A 147 11.75 2.12 -5.07
N ARG A 148 12.16 2.06 -3.81
CA ARG A 148 13.25 2.93 -3.28
C ARG A 148 14.57 2.52 -3.94
N LEU A 149 14.82 1.23 -4.08
CA LEU A 149 16.01 0.70 -4.80
C LEU A 149 15.96 1.17 -6.26
N LYS A 150 14.80 1.01 -6.87
CA LYS A 150 14.62 1.13 -8.34
C LYS A 150 14.93 2.56 -8.81
N PHE A 151 14.55 3.54 -7.99
CA PHE A 151 14.52 4.97 -8.36
C PHE A 151 15.54 5.81 -7.60
N SER A 152 16.21 5.32 -6.55
CA SER A 152 17.29 6.05 -5.83
C SER A 152 18.31 6.60 -6.82
N SER A 153 18.62 7.89 -6.72
CA SER A 153 19.65 8.57 -7.54
C SER A 153 21.02 7.92 -7.34
N SER A 154 21.20 7.04 -6.33
CA SER A 154 22.43 6.20 -6.17
C SER A 154 22.54 5.10 -7.24
N ARG A 155 21.45 4.69 -7.90
CA ARG A 155 21.42 3.56 -8.88
C ARG A 155 21.99 2.26 -8.26
N PRO A 156 21.50 1.83 -7.08
CA PRO A 156 22.01 0.60 -6.47
C PRO A 156 21.88 -0.63 -7.39
N LEU A 157 20.89 -0.61 -8.28
CA LEU A 157 20.50 -1.79 -9.08
C LEU A 157 21.31 -1.85 -10.38
N ALA A 158 22.05 -0.81 -10.74
CA ALA A 158 22.91 -0.79 -11.95
C ALA A 158 23.87 -1.99 -11.95
N ALA A 159 24.29 -2.47 -10.78
CA ALA A 159 25.20 -3.62 -10.64
C ALA A 159 24.42 -4.95 -10.60
N HIS A 160 23.10 -4.94 -10.38
CA HIS A 160 22.28 -6.16 -10.13
C HIS A 160 21.16 -6.25 -11.19
N ALA A 161 21.51 -6.04 -12.45
CA ALA A 161 20.60 -6.09 -13.62
C ALA A 161 19.77 -7.37 -13.63
N GLU A 162 20.39 -8.55 -13.50
CA GLU A 162 19.69 -9.84 -13.72
C GLU A 162 18.63 -9.96 -12.63
N GLN A 163 19.04 -9.90 -11.36
CA GLN A 163 18.16 -10.10 -10.18
C GLN A 163 17.04 -9.06 -10.16
N SER A 164 17.36 -7.83 -10.55
CA SER A 164 16.41 -6.72 -10.68
C SER A 164 15.33 -7.07 -11.71
N ARG A 165 15.71 -7.62 -12.84
CA ARG A 165 14.77 -7.97 -13.92
C ARG A 165 13.89 -9.15 -13.48
N GLU A 166 14.47 -10.12 -12.77
CA GLU A 166 13.72 -11.26 -12.20
C GLU A 166 12.59 -10.69 -11.32
N ILE A 167 12.90 -9.67 -10.49
CA ILE A 167 11.97 -9.12 -9.46
C ILE A 167 10.86 -8.30 -10.12
N GLU A 168 11.20 -7.55 -11.16
CA GLU A 168 10.24 -6.66 -11.85
C GLU A 168 9.24 -7.53 -12.61
N ASP A 169 9.69 -8.54 -13.35
CA ASP A 169 8.80 -9.52 -14.01
C ASP A 169 7.86 -10.18 -12.98
N TRP A 170 8.37 -10.62 -11.85
CA TRP A 170 7.55 -11.23 -10.79
C TRP A 170 6.46 -10.26 -10.37
N PHE A 171 6.82 -9.00 -10.09
CA PHE A 171 5.84 -7.98 -9.64
C PHE A 171 4.82 -7.74 -10.77
N ALA A 172 5.24 -7.73 -12.04
CA ALA A 172 4.30 -7.52 -13.18
C ALA A 172 3.33 -8.68 -13.24
N ARG A 173 3.79 -9.92 -13.02
CA ARG A 173 2.93 -11.13 -13.12
C ARG A 173 1.88 -11.06 -12.01
N LEU A 174 2.30 -10.65 -10.81
CA LEU A 174 1.47 -10.55 -9.60
C LEU A 174 0.48 -9.40 -9.80
N GLY A 175 0.96 -8.30 -10.37
CA GLY A 175 0.14 -7.11 -10.67
C GLY A 175 -0.95 -7.46 -11.67
N THR A 176 -0.61 -8.22 -12.71
CA THR A 176 -1.62 -8.72 -13.69
C THR A 176 -2.60 -9.63 -12.95
N GLN A 177 -2.13 -10.43 -12.01
CA GLN A 177 -3.01 -11.34 -11.25
C GLN A 177 -3.94 -10.55 -10.33
N VAL A 178 -3.43 -9.59 -9.58
CA VAL A 178 -4.28 -8.78 -8.65
C VAL A 178 -5.41 -8.15 -9.47
N VAL A 179 -5.10 -7.61 -10.64
CA VAL A 179 -6.10 -6.92 -11.50
C VAL A 179 -7.26 -7.90 -11.72
N ARG A 180 -6.96 -9.13 -12.16
CA ARG A 180 -7.97 -10.20 -12.35
C ARG A 180 -8.73 -10.46 -11.03
N ASP A 181 -8.04 -10.41 -9.90
CA ASP A 181 -8.63 -10.85 -8.60
C ASP A 181 -9.76 -9.93 -8.14
N TRP A 182 -9.74 -8.64 -8.54
CA TRP A 182 -10.67 -7.59 -8.00
C TRP A 182 -11.45 -6.89 -9.12
N SER A 183 -11.40 -7.39 -10.36
CA SER A 183 -12.18 -6.89 -11.53
C SER A 183 -13.57 -7.55 -11.58
N GLY A 184 -14.53 -6.86 -12.20
CA GLY A 184 -15.86 -7.42 -12.54
C GLY A 184 -16.68 -7.64 -11.28
N LEU A 185 -16.43 -6.81 -10.28
CA LEU A 185 -17.19 -6.77 -9.02
C LEU A 185 -18.21 -5.65 -9.13
N PRO A 186 -19.45 -5.87 -8.62
CA PRO A 186 -20.40 -4.77 -8.48
C PRO A 186 -20.04 -3.90 -7.28
N LEU A 187 -20.62 -2.70 -7.22
CA LEU A 187 -20.33 -1.65 -6.20
C LEU A 187 -20.47 -2.27 -4.80
N LYS A 188 -21.46 -3.15 -4.62
CA LYS A 188 -21.81 -3.78 -3.33
C LYS A 188 -20.57 -4.46 -2.73
N LYS A 189 -19.66 -4.94 -3.58
CA LYS A 189 -18.45 -5.74 -3.22
C LYS A 189 -17.19 -4.87 -3.13
N ILE A 190 -17.18 -3.70 -3.79
CA ILE A 190 -15.98 -2.83 -3.89
C ILE A 190 -15.80 -2.07 -2.56
N ASN A 191 -14.73 -2.39 -1.84
CA ASN A 191 -14.46 -1.91 -0.46
C ASN A 191 -12.94 -1.84 -0.27
N ASN A 192 -12.49 -1.61 0.96
CA ASN A 192 -11.05 -1.44 1.31
C ASN A 192 -10.12 -2.40 0.54
N HIS A 193 -10.53 -3.66 0.35
CA HIS A 193 -9.69 -4.69 -0.32
C HIS A 193 -9.37 -4.22 -1.73
N SER A 194 -10.37 -3.69 -2.43
CA SER A 194 -10.19 -3.15 -3.80
C SER A 194 -9.27 -1.94 -3.75
N TYR A 195 -9.35 -1.10 -2.71
CA TYR A 195 -8.54 0.14 -2.64
C TYR A 195 -7.05 -0.24 -2.49
N TRP A 196 -6.76 -1.13 -1.54
CA TRP A 196 -5.37 -1.59 -1.23
C TRP A 196 -4.83 -2.37 -2.41
N ALA A 197 -5.69 -3.11 -3.11
CA ALA A 197 -5.31 -3.82 -4.35
C ALA A 197 -4.85 -2.80 -5.38
N ALA A 198 -5.60 -1.71 -5.52
CA ALA A 198 -5.35 -0.65 -6.51
C ALA A 198 -4.00 0.03 -6.21
N TRP A 199 -3.67 0.23 -4.93
CA TRP A 199 -2.35 0.78 -4.51
C TRP A 199 -1.23 -0.22 -4.86
N SER A 200 -1.42 -1.50 -4.58
CA SER A 200 -0.40 -2.56 -4.84
C SER A 200 -0.12 -2.59 -6.33
N VAL A 201 -1.18 -2.41 -7.13
CA VAL A 201 -1.08 -2.37 -8.61
C VAL A 201 -0.36 -1.09 -9.03
N MET A 202 -0.68 0.05 -8.44
CA MET A 202 -0.08 1.37 -8.82
C MET A 202 1.41 1.32 -8.53
N SER A 203 1.78 0.88 -7.34
CA SER A 203 3.18 0.64 -6.91
C SER A 203 3.91 -0.23 -7.95
N THR A 204 3.29 -1.33 -8.38
CA THR A 204 3.77 -2.27 -9.41
C THR A 204 3.89 -1.55 -10.76
N ALA A 205 2.87 -0.75 -11.12
CA ALA A 205 2.79 0.02 -12.37
C ALA A 205 4.07 0.84 -12.52
N VAL A 206 4.45 1.51 -11.47
CA VAL A 206 5.58 2.48 -11.55
C VAL A 206 6.88 1.67 -11.56
N VAL A 207 6.96 0.60 -10.78
CA VAL A 207 8.22 -0.19 -10.76
C VAL A 207 8.46 -0.82 -12.13
N THR A 208 7.42 -1.25 -12.82
CA THR A 208 7.53 -2.14 -14.02
C THR A 208 7.27 -1.30 -15.28
N ASN A 209 6.99 -0.01 -15.10
CA ASN A 209 6.62 0.95 -16.17
C ASN A 209 5.45 0.38 -16.97
N ARG A 210 4.37 -0.01 -16.33
CA ARG A 210 3.19 -0.64 -16.98
C ARG A 210 2.01 0.33 -16.92
N ARG A 211 1.72 1.02 -18.02
CA ARG A 211 0.59 1.98 -18.13
CA ARG A 211 0.59 2.00 -18.10
C ARG A 211 -0.76 1.27 -17.99
N ASP A 212 -0.86 0.01 -18.44
CA ASP A 212 -2.11 -0.76 -18.28
C ASP A 212 -2.45 -0.77 -16.79
N LEU A 213 -1.46 -1.00 -15.93
CA LEU A 213 -1.67 -1.21 -14.47
C LEU A 213 -1.95 0.11 -13.78
N PHE A 214 -1.18 1.14 -14.12
CA PHE A 214 -1.48 2.55 -13.78
C PHE A 214 -2.96 2.88 -14.05
N ASP A 215 -3.42 2.67 -15.29
CA ASP A 215 -4.80 3.03 -15.72
C ASP A 215 -5.80 2.30 -14.82
N TRP A 216 -5.55 1.03 -14.49
CA TRP A 216 -6.52 0.23 -13.69
C TRP A 216 -6.69 0.83 -12.31
N ALA A 217 -5.55 1.14 -11.68
CA ALA A 217 -5.47 1.75 -10.33
C ALA A 217 -6.19 3.11 -10.31
N VAL A 218 -6.10 3.89 -11.38
CA VAL A 218 -6.74 5.23 -11.46
C VAL A 218 -8.25 5.05 -11.53
N SER A 219 -8.74 4.14 -12.39
CA SER A 219 -10.19 3.79 -12.50
C SER A 219 -10.73 3.36 -11.14
N GLU A 220 -10.02 2.45 -10.47
CA GLU A 220 -10.40 1.92 -9.15
C GLU A 220 -10.50 3.07 -8.15
N PHE A 221 -9.52 3.97 -8.19
CA PHE A 221 -9.53 5.23 -7.42
C PHE A 221 -10.82 5.98 -7.75
N LYS A 222 -11.18 6.05 -9.04
CA LYS A 222 -12.37 6.83 -9.45
C LYS A 222 -13.63 6.20 -8.88
N VAL A 223 -13.75 4.88 -8.95
CA VAL A 223 -14.90 4.14 -8.37
C VAL A 223 -15.01 4.57 -6.90
N ALA A 224 -13.89 4.54 -6.19
CA ALA A 224 -13.81 4.74 -4.74
C ALA A 224 -14.19 6.18 -4.38
N ALA A 225 -13.81 7.13 -5.23
CA ALA A 225 -14.16 8.56 -5.07
C ALA A 225 -15.69 8.69 -5.18
N ASN A 226 -16.30 7.93 -6.09
CA ASN A 226 -17.77 7.95 -6.34
C ASN A 226 -18.50 7.28 -5.18
N GLN A 227 -17.87 6.34 -4.47
CA GLN A 227 -18.46 5.68 -3.28
C GLN A 227 -18.60 6.70 -2.14
N VAL A 228 -17.88 7.81 -2.20
CA VAL A 228 -17.86 8.81 -1.09
C VAL A 228 -19.11 9.70 -1.17
N ASP A 229 -20.05 9.56 -0.24
CA ASP A 229 -21.37 10.25 -0.32
C ASP A 229 -21.22 11.75 0.00
N GLU A 230 -22.32 12.50 -0.10
CA GLU A 230 -22.34 13.99 0.16
C GLU A 230 -21.64 14.34 1.48
N GLN A 231 -21.69 13.43 2.47
CA GLN A 231 -21.22 13.64 3.87
C GLN A 231 -19.77 13.17 4.03
N GLY A 232 -19.20 12.49 3.04
CA GLY A 232 -17.83 11.92 3.12
C GLY A 232 -17.80 10.55 3.79
N PHE A 233 -18.89 9.79 3.70
CA PHE A 233 -18.96 8.37 4.14
C PHE A 233 -18.93 7.44 2.94
N LEU A 234 -18.41 6.24 3.16
CA LEU A 234 -18.44 5.05 2.24
C LEU A 234 -19.50 4.07 2.74
N PRO A 235 -20.67 3.92 2.07
CA PRO A 235 -21.72 3.04 2.56
C PRO A 235 -21.19 1.66 2.97
N ASN A 236 -20.33 1.05 2.16
CA ASN A 236 -19.83 -0.33 2.44
C ASN A 236 -19.06 -0.37 3.76
N GLU A 237 -18.35 0.68 4.13
CA GLU A 237 -17.59 0.67 5.40
C GLU A 237 -18.54 1.01 6.56
N LEU A 238 -19.72 1.58 6.26
CA LEU A 238 -20.78 1.82 7.29
C LEU A 238 -21.40 0.47 7.67
N LYS A 239 -21.28 -0.55 6.83
CA LYS A 239 -21.72 -1.94 7.18
C LYS A 239 -20.84 -2.52 8.29
N ARG A 240 -19.63 -2.00 8.53
CA ARG A 240 -18.69 -2.52 9.55
C ARG A 240 -19.13 -2.13 10.98
N ARG A 241 -20.28 -1.44 11.11
CA ARG A 241 -20.97 -1.20 12.42
C ARG A 241 -20.00 -0.51 13.41
N GLN A 242 -19.48 -1.22 14.43
CA GLN A 242 -18.65 -0.58 15.51
C GLN A 242 -17.23 -0.28 14.97
N ARG A 243 -16.84 -0.87 13.82
CA ARG A 243 -15.50 -0.75 13.19
C ARG A 243 -15.55 0.23 12.00
N ALA A 244 -16.67 0.87 11.73
CA ALA A 244 -16.89 1.70 10.51
C ALA A 244 -15.90 2.88 10.44
N LEU A 245 -15.52 3.48 11.57
CA LEU A 245 -14.51 4.57 11.62
C LEU A 245 -13.13 3.99 11.28
N ALA A 246 -12.76 2.90 11.95
CA ALA A 246 -11.47 2.20 11.71
C ALA A 246 -11.36 1.90 10.22
N TYR A 247 -12.39 1.29 9.65
CA TYR A 247 -12.43 0.89 8.22
C TYR A 247 -12.43 2.11 7.31
N HIS A 248 -13.07 3.21 7.70
CA HIS A 248 -13.02 4.47 6.91
C HIS A 248 -11.58 4.96 6.89
N ASN A 249 -10.90 4.89 8.04
CA ASN A 249 -9.50 5.34 8.20
C ASN A 249 -8.56 4.43 7.38
N TYR A 250 -8.83 3.12 7.34
CA TYR A 250 -8.07 2.07 6.61
C TYR A 250 -8.13 2.33 5.08
N ALA A 251 -9.11 3.08 4.60
CA ALA A 251 -9.31 3.38 3.15
C ALA A 251 -8.40 4.54 2.69
N LEU A 252 -7.96 5.41 3.60
CA LEU A 252 -7.24 6.67 3.23
C LEU A 252 -5.84 6.41 2.73
N PRO A 253 -5.04 5.51 3.35
CA PRO A 253 -3.69 5.26 2.88
C PRO A 253 -3.60 4.79 1.41
N PRO A 254 -4.29 3.73 0.99
CA PRO A 254 -4.20 3.31 -0.41
C PRO A 254 -4.59 4.42 -1.38
N LEU A 255 -5.72 5.07 -1.10
CA LEU A 255 -6.32 6.13 -1.95
C LEU A 255 -5.40 7.37 -2.00
N ALA A 256 -4.86 7.80 -0.87
CA ALA A 256 -3.95 8.99 -0.85
C ALA A 256 -2.67 8.65 -1.63
N MET A 257 -2.13 7.45 -1.45
CA MET A 257 -0.91 7.02 -2.18
C MET A 257 -1.19 6.99 -3.70
N ILE A 258 -2.35 6.50 -4.10
CA ILE A 258 -2.71 6.50 -5.54
C ILE A 258 -2.82 7.94 -6.05
N ALA A 259 -3.46 8.86 -5.32
CA ALA A 259 -3.55 10.28 -5.73
C ALA A 259 -2.15 10.88 -5.84
N ALA A 260 -1.26 10.63 -4.87
CA ALA A 260 0.14 11.12 -4.88
C ALA A 260 0.87 10.64 -6.13
N PHE A 261 0.77 9.34 -6.44
CA PHE A 261 1.49 8.70 -7.59
C PHE A 261 0.89 9.17 -8.92
N ALA A 262 -0.43 9.26 -9.03
CA ALA A 262 -1.12 9.75 -10.24
C ALA A 262 -0.68 11.18 -10.54
N GLN A 263 -0.54 12.03 -9.53
CA GLN A 263 -0.22 13.46 -9.71
C GLN A 263 1.20 13.62 -10.31
N VAL A 264 2.17 12.77 -9.92
CA VAL A 264 3.57 12.94 -10.41
C VAL A 264 3.68 12.31 -11.79
N ASN A 265 2.64 11.65 -12.30
CA ASN A 265 2.63 11.22 -13.73
C ASN A 265 1.58 12.04 -14.50
N GLY A 266 1.13 13.16 -13.94
CA GLY A 266 0.32 14.17 -14.67
C GLY A 266 -1.18 13.91 -14.58
N VAL A 267 -1.64 13.11 -13.63
CA VAL A 267 -3.07 12.75 -13.49
C VAL A 267 -3.50 13.19 -12.09
N ASP A 268 -4.17 14.33 -12.02
CA ASP A 268 -4.63 14.95 -10.76
C ASP A 268 -6.01 14.36 -10.44
N LEU A 269 -6.13 13.72 -9.28
CA LEU A 269 -7.35 13.00 -8.84
C LEU A 269 -7.91 13.68 -7.60
N ARG A 270 -7.39 14.86 -7.26
CA ARG A 270 -7.76 15.57 -6.02
C ARG A 270 -9.20 16.10 -6.08
N GLN A 271 -9.76 16.34 -7.28
CA GLN A 271 -11.09 17.00 -7.47
C GLN A 271 -12.13 15.97 -7.92
N GLU A 272 -11.83 14.69 -7.71
CA GLU A 272 -12.66 13.55 -8.16
C GLU A 272 -13.89 13.43 -7.24
N ASN A 273 -15.08 13.44 -7.83
CA ASN A 273 -16.38 13.42 -7.11
C ASN A 273 -16.44 14.58 -6.11
N HIS A 274 -16.13 15.80 -6.55
CA HIS A 274 -16.06 17.06 -5.76
C HIS A 274 -15.05 16.95 -4.61
N GLY A 275 -13.84 16.45 -4.87
CA GLY A 275 -12.78 16.34 -3.84
C GLY A 275 -13.12 15.31 -2.78
N ALA A 276 -13.59 14.14 -3.23
CA ALA A 276 -14.07 13.05 -2.35
C ALA A 276 -12.98 12.66 -1.36
N LEU A 277 -11.74 12.53 -1.82
CA LEU A 277 -10.61 12.07 -0.95
C LEU A 277 -10.51 13.02 0.26
N GLN A 278 -10.49 14.33 0.00
CA GLN A 278 -10.41 15.39 1.04
C GLN A 278 -11.68 15.35 1.90
N ARG A 279 -12.81 15.04 1.28
CA ARG A 279 -14.11 14.96 2.00
C ARG A 279 -14.08 13.78 2.97
N LEU A 280 -13.64 12.61 2.49
CA LEU A 280 -13.50 11.38 3.33
C LEU A 280 -12.49 11.64 4.45
N ALA A 281 -11.34 12.22 4.13
CA ALA A 281 -10.22 12.48 5.07
C ALA A 281 -10.67 13.39 6.22
N GLU A 282 -11.35 14.50 5.90
CA GLU A 282 -11.81 15.52 6.88
C GLU A 282 -12.77 14.82 7.86
N ARG A 283 -13.72 14.08 7.29
CA ARG A 283 -14.77 13.31 7.99
C ARG A 283 -14.12 12.31 8.95
N VAL A 284 -13.04 11.66 8.53
CA VAL A 284 -12.33 10.66 9.37
C VAL A 284 -11.70 11.37 10.58
N MET A 285 -11.14 12.56 10.39
CA MET A 285 -10.47 13.30 11.48
C MET A 285 -11.52 13.84 12.46
N LYS A 286 -12.69 14.31 11.98
CA LYS A 286 -13.78 14.80 12.88
C LYS A 286 -14.21 13.63 13.77
N GLY A 287 -14.24 12.41 13.21
CA GLY A 287 -14.67 11.16 13.88
C GLY A 287 -13.67 10.66 14.91
N VAL A 288 -12.38 10.68 14.61
CA VAL A 288 -11.29 10.27 15.55
C VAL A 288 -11.30 11.23 16.74
N ASP A 289 -11.52 12.52 16.48
CA ASP A 289 -11.73 13.53 17.54
C ASP A 289 -13.05 13.21 18.24
N ASP A 290 -14.15 13.47 17.55
CA ASP A 290 -15.53 13.26 18.04
C ASP A 290 -16.12 11.99 17.39
N GLU A 291 -16.18 10.91 18.15
CA GLU A 291 -16.72 9.59 17.73
C GLU A 291 -18.18 9.75 17.25
N GLU A 292 -18.98 10.59 17.94
CA GLU A 292 -20.47 10.63 17.92
C GLU A 292 -21.06 10.53 16.51
N THR A 293 -20.44 11.18 15.53
CA THR A 293 -20.96 11.36 14.14
C THR A 293 -21.07 10.00 13.44
N PHE A 294 -20.19 9.06 13.79
CA PHE A 294 -20.20 7.68 13.24
C PHE A 294 -21.20 6.83 14.03
N GLU A 295 -21.26 7.03 15.35
CA GLU A 295 -22.22 6.35 16.25
C GLU A 295 -23.63 6.71 15.79
N GLU A 296 -23.83 7.97 15.37
CA GLU A 296 -25.10 8.53 14.83
C GLU A 296 -25.49 7.82 13.53
N LYS A 297 -24.51 7.56 12.66
CA LYS A 297 -24.71 6.95 11.32
C LYS A 297 -24.94 5.43 11.46
N THR A 298 -24.15 4.75 12.29
CA THR A 298 -24.15 3.27 12.45
C THR A 298 -25.11 2.81 13.55
N GLY A 299 -25.53 3.70 14.45
CA GLY A 299 -26.30 3.38 15.68
C GLY A 299 -25.48 2.60 16.69
N GLU A 300 -24.16 2.80 16.72
CA GLU A 300 -23.21 1.88 17.42
C GLU A 300 -21.96 2.63 17.93
N ASP A 301 -21.59 2.38 19.18
CA ASP A 301 -20.37 2.93 19.82
C ASP A 301 -19.12 2.33 19.15
N GLN A 302 -18.22 3.19 18.66
CA GLN A 302 -17.07 2.83 17.77
C GLN A 302 -15.87 2.32 18.56
N ASP A 303 -15.44 1.10 18.24
CA ASP A 303 -14.15 0.49 18.67
C ASP A 303 -12.98 1.38 18.18
N MET A 304 -12.25 2.00 19.10
CA MET A 304 -11.09 2.89 18.78
C MET A 304 -9.75 2.15 18.90
N THR A 305 -9.70 0.82 18.77
CA THR A 305 -8.45 0.02 18.93
C THR A 305 -7.46 0.34 17.80
N ASP A 306 -7.96 0.52 16.58
CA ASP A 306 -7.13 0.75 15.35
C ASP A 306 -7.08 2.24 15.00
N LEU A 307 -7.46 3.12 15.91
CA LEU A 307 -7.25 4.57 15.77
C LEU A 307 -6.22 5.00 16.84
N LYS A 308 -5.68 4.02 17.57
CA LYS A 308 -4.80 4.21 18.75
C LYS A 308 -3.37 4.39 18.26
N VAL A 309 -2.96 3.49 17.37
CA VAL A 309 -1.56 3.30 16.87
C VAL A 309 -1.24 4.41 15.84
N ASP A 310 0.01 4.88 15.83
CA ASP A 310 0.51 6.03 15.00
C ASP A 310 0.65 5.63 13.52
N ASN A 311 1.14 4.40 13.29
CA ASN A 311 1.29 3.75 11.96
C ASN A 311 0.02 3.99 11.15
N LYS A 312 -1.15 3.88 11.78
CA LYS A 312 -2.49 3.88 11.13
C LYS A 312 -2.91 5.28 10.62
N TYR A 313 -2.14 6.35 10.89
CA TYR A 313 -2.36 7.69 10.29
C TYR A 313 -1.23 8.07 9.29
N ALA A 314 -0.51 7.08 8.76
CA ALA A 314 0.62 7.32 7.82
C ALA A 314 0.10 7.98 6.55
N TRP A 315 -1.22 7.95 6.31
CA TRP A 315 -1.87 8.51 5.10
C TRP A 315 -1.75 10.03 5.08
N LEU A 316 -1.45 10.64 6.23
CA LEU A 316 -1.20 12.10 6.37
C LEU A 316 0.00 12.55 5.54
N GLU A 317 0.97 11.66 5.27
CA GLU A 317 2.19 12.01 4.52
C GLU A 317 1.81 12.35 3.07
N PRO A 318 1.25 11.40 2.28
CA PRO A 318 0.84 11.71 0.91
C PRO A 318 -0.34 12.67 0.78
N TYR A 319 -1.24 12.68 1.78
CA TYR A 319 -2.43 13.58 1.81
C TYR A 319 -2.00 15.05 1.93
N CYS A 320 -1.08 15.35 2.84
CA CYS A 320 -0.58 16.74 3.09
C CYS A 320 0.44 17.15 2.01
N ALA A 321 0.96 16.19 1.25
CA ALA A 321 1.70 16.50 0.01
C ALA A 321 0.74 16.96 -1.10
N LEU A 322 -0.53 16.55 -1.05
CA LEU A 322 -1.54 16.80 -2.12
C LEU A 322 -2.38 18.04 -1.78
N TYR A 323 -2.86 18.13 -0.54
CA TYR A 323 -3.81 19.16 -0.05
C TYR A 323 -3.09 20.10 0.92
N ARG A 324 -3.47 21.38 0.92
CA ARG A 324 -3.01 22.40 1.92
C ARG A 324 -3.60 22.03 3.28
N CYS A 325 -2.86 21.28 4.09
CA CYS A 325 -3.33 20.78 5.41
C CYS A 325 -3.45 21.92 6.44
N GLU A 326 -4.54 21.89 7.20
CA GLU A 326 -4.82 22.81 8.34
C GLU A 326 -3.91 22.44 9.51
N PRO A 327 -3.60 23.38 10.44
CA PRO A 327 -2.86 23.07 11.68
C PRO A 327 -3.31 21.88 12.59
N LYS A 328 -4.55 21.42 12.49
CA LYS A 328 -5.05 20.22 13.21
C LYS A 328 -4.59 18.94 12.51
N MET A 329 -4.36 19.02 11.20
CA MET A 329 -3.95 17.87 10.35
C MET A 329 -2.42 17.79 10.31
N LEU A 330 -1.73 18.95 10.27
CA LEU A 330 -0.24 19.06 10.30
C LEU A 330 0.30 18.71 11.68
N GLU A 331 -0.50 18.91 12.74
CA GLU A 331 -0.05 18.67 14.15
C GLU A 331 -0.04 17.16 14.41
N ALA A 332 -1.10 16.48 13.98
CA ALA A 332 -1.23 15.00 13.97
C ALA A 332 -0.10 14.42 13.11
N LYS A 333 0.25 15.05 12.00
CA LYS A 333 1.42 14.63 11.18
C LYS A 333 2.74 14.87 11.94
N LYS A 334 2.89 16.05 12.56
CA LYS A 334 4.13 16.47 13.29
C LYS A 334 4.46 15.44 14.41
N ASP A 335 3.48 15.14 15.28
CA ASP A 335 3.76 14.49 16.60
C ASP A 335 4.04 12.99 16.42
N ARG A 336 3.56 12.36 15.33
CA ARG A 336 3.62 10.89 15.10
C ARG A 336 4.78 10.51 14.17
N GLU A 337 5.47 11.46 13.55
CA GLU A 337 6.61 11.18 12.62
C GLU A 337 7.81 10.66 13.41
N PRO A 338 8.70 9.85 12.79
CA PRO A 338 8.53 9.40 11.40
C PRO A 338 7.72 8.10 11.28
N PHE A 339 6.81 8.03 10.31
CA PHE A 339 5.93 6.86 10.07
C PHE A 339 6.70 5.69 9.41
N ASN A 340 6.53 4.49 10.00
CA ASN A 340 6.90 3.16 9.44
C ASN A 340 5.62 2.36 9.24
N SER A 341 5.31 2.01 7.99
CA SER A 341 4.15 1.19 7.56
C SER A 341 4.66 0.19 6.52
N PHE A 342 4.85 -1.06 6.93
CA PHE A 342 5.34 -2.20 6.10
C PHE A 342 4.54 -2.27 4.79
N ARG A 343 3.21 -2.25 4.92
CA ARG A 343 2.20 -2.45 3.83
C ARG A 343 2.37 -1.39 2.72
N LEU A 344 2.98 -0.21 3.02
CA LEU A 344 3.23 0.93 2.07
C LEU A 344 4.73 1.07 1.70
N GLY A 345 5.59 0.08 2.00
CA GLY A 345 7.03 0.10 1.67
C GLY A 345 7.95 0.62 2.78
N GLY A 346 7.45 0.85 4.00
CA GLY A 346 8.28 1.12 5.20
C GLY A 346 8.34 2.59 5.56
N GLU A 347 9.48 3.26 5.32
CA GLU A 347 9.70 4.69 5.69
C GLU A 347 8.88 5.58 4.73
N VAL A 348 7.64 5.87 5.12
CA VAL A 348 6.66 6.71 4.37
C VAL A 348 7.03 8.20 4.59
N THR A 349 7.50 8.57 5.80
CA THR A 349 7.92 9.97 6.10
C THR A 349 9.06 10.37 5.16
N ARG A 350 10.08 9.51 5.04
CA ARG A 350 11.33 9.72 4.26
C ARG A 350 11.03 9.92 2.77
N VAL A 351 9.92 9.36 2.23
CA VAL A 351 9.60 9.46 0.77
C VAL A 351 8.61 10.61 0.51
N PHE A 352 8.13 11.30 1.56
CA PHE A 352 7.31 12.53 1.41
C PHE A 352 8.05 13.63 2.17
N SER A 353 9.29 13.79 1.71
CA SER A 353 10.41 14.53 2.36
C SER A 353 11.70 14.01 1.70
#